data_1UUQ
#
_entry.id   1UUQ
#
_cell.length_a   91.221
_cell.length_b   101.759
_cell.length_c   50.248
_cell.angle_alpha   90.00
_cell.angle_beta   90.00
_cell.angle_gamma   90.00
#
_symmetry.space_group_name_H-M   'P 21 21 2'
#
loop_
_entity.id
_entity.type
_entity.pdbx_description
1 polymer 'MANNOSYL-OLIGOSACCHARIDE GLUCOSIDASE'
2 non-polymer GLYCEROL
3 non-polymer 'SULFATE ION'
4 water water
#
_entity_poly.entity_id   1
_entity_poly.type   'polypeptide(L)'
_entity_poly.pdbx_seq_one_letter_code
;MVAESNSAVAPTANVATSPAHEHFVRVNGGHFELQGKPYVITGVNMWYAAYLGAPNEVGDRDRLAKELDNLKAIGVNNLR
VLAVSEKSEINSAVKPAVTNGFGNYDETLLQGLDYLLVELAKRDMTVVLYFNNFWQWSGGMTQYMAWIEGEPVQDPNVTN
EWEAFMAKSASFYRSEKAQQEYRKTLEKIITRVNSINGKAYVDDATIMSWQLANEPRPGNSQTTAEEKQIYIDWVHAAAA
YIKTLDAHHLVSSGSEGEMGSVNDMQVFIDAHATPDIDYLTYHMWIRNWSWFDKTKPAETWPSAWEKAQNYMRAHIDVAK
QLNKPLVLEEFGLDRDMGSYAMDSTTEYRDNYFRGVFELMLASLEQGEPSAGYNIWAWNGYGRTTRANYWWQEGDDFMGD
PPQEEQGMYGVFDTDTSTIAIMKEFNARFQPKLEHHHHHH
;
_entity_poly.pdbx_strand_id   A
#
# COMPACT_ATOMS: atom_id res chain seq x y z
N GLU A 22 -5.12 -21.35 9.69
CA GLU A 22 -4.30 -22.22 10.57
C GLU A 22 -2.94 -21.61 10.89
N HIS A 23 -2.03 -21.57 9.91
CA HIS A 23 -0.65 -21.10 10.15
C HIS A 23 -0.50 -19.62 9.77
N PHE A 24 -0.52 -18.75 10.78
CA PHE A 24 -0.44 -17.30 10.56
C PHE A 24 1.00 -16.88 10.31
N VAL A 25 1.18 -15.82 9.53
CA VAL A 25 2.47 -15.15 9.42
C VAL A 25 2.70 -14.52 10.77
N ARG A 26 3.86 -14.81 11.34
CA ARG A 26 4.24 -14.32 12.65
C ARG A 26 5.56 -13.54 12.54
N VAL A 27 5.88 -12.82 13.60
CA VAL A 27 7.14 -12.11 13.68
C VAL A 27 8.01 -12.71 14.80
N ASN A 28 9.29 -12.90 14.48
CA ASN A 28 10.29 -13.31 15.46
C ASN A 28 11.54 -12.45 15.25
N GLY A 29 11.73 -11.46 16.11
CA GLY A 29 12.81 -10.53 15.94
C GLY A 29 12.68 -9.75 14.63
N GLY A 30 13.74 -9.73 13.84
CA GLY A 30 13.77 -8.98 12.60
C GLY A 30 13.29 -9.71 11.37
N HIS A 31 12.63 -10.85 11.54
CA HIS A 31 12.08 -11.57 10.40
C HIS A 31 10.69 -12.10 10.66
N PHE A 32 10.00 -12.42 9.57
CA PHE A 32 8.73 -13.11 9.63
C PHE A 32 8.97 -14.62 9.62
N GLU A 33 8.03 -15.34 10.22
CA GLU A 33 8.01 -16.80 10.17
C GLU A 33 6.65 -17.31 9.75
N LEU A 34 6.64 -18.43 9.05
CA LEU A 34 5.42 -19.12 8.71
C LEU A 34 5.71 -20.58 9.01
N GLN A 35 4.94 -21.16 9.93
CA GLN A 35 5.22 -22.51 10.43
C GLN A 35 6.66 -22.67 10.91
N GLY A 36 7.15 -21.66 11.61
CA GLY A 36 8.48 -21.69 12.20
C GLY A 36 9.66 -21.56 11.24
N LYS A 37 9.37 -21.34 9.95
CA LYS A 37 10.41 -21.17 8.96
C LYS A 37 10.39 -19.73 8.45
N PRO A 38 11.52 -19.20 8.02
CA PRO A 38 11.56 -17.81 7.56
C PRO A 38 10.58 -17.58 6.40
N TYR A 39 9.96 -16.40 6.41
CA TYR A 39 9.02 -15.97 5.40
C TYR A 39 9.45 -14.59 4.96
N VAL A 40 9.66 -14.41 3.66
CA VAL A 40 10.13 -13.16 3.09
C VAL A 40 9.07 -12.68 2.09
N ILE A 41 8.73 -11.41 2.17
CA ILE A 41 7.66 -10.84 1.33
C ILE A 41 8.21 -10.54 -0.05
N THR A 42 7.65 -11.19 -1.07
CA THR A 42 8.02 -10.92 -2.45
C THR A 42 6.74 -10.60 -3.17
N GLY A 43 6.36 -9.34 -3.14
CA GLY A 43 4.99 -8.93 -3.36
C GLY A 43 4.78 -7.84 -4.39
N VAL A 44 3.51 -7.53 -4.56
CA VAL A 44 3.06 -6.40 -5.35
C VAL A 44 1.96 -5.65 -4.63
N ASN A 45 1.78 -4.40 -5.03
CA ASN A 45 0.62 -3.63 -4.71
C ASN A 45 -0.39 -3.85 -5.80
N MET A 46 -1.61 -4.15 -5.38
CA MET A 46 -2.72 -4.40 -6.27
C MET A 46 -3.94 -3.93 -5.51
N TRP A 47 -4.08 -2.61 -5.44
CA TRP A 47 -5.03 -2.01 -4.52
C TRP A 47 -6.45 -2.52 -4.75
N TYR A 48 -6.71 -2.84 -6.02
CA TYR A 48 -8.04 -3.14 -6.57
C TYR A 48 -8.39 -4.63 -6.55
N ALA A 49 -7.57 -5.48 -5.94
CA ALA A 49 -7.77 -6.92 -6.03
C ALA A 49 -9.10 -7.38 -5.47
N ALA A 50 -9.57 -6.75 -4.40
CA ALA A 50 -10.88 -7.08 -3.82
C ALA A 50 -12.04 -6.57 -4.67
N TYR A 51 -11.89 -5.38 -5.25
CA TYR A 51 -12.86 -4.89 -6.23
C TYR A 51 -13.03 -5.89 -7.37
N LEU A 52 -11.92 -6.46 -7.84
CA LEU A 52 -11.96 -7.41 -8.94
C LEU A 52 -12.75 -8.67 -8.56
N GLY A 53 -12.79 -9.00 -7.26
CA GLY A 53 -13.55 -10.12 -6.77
C GLY A 53 -15.06 -9.91 -6.61
N ALA A 54 -15.56 -8.70 -6.82
CA ALA A 54 -16.97 -8.41 -6.61
C ALA A 54 -17.82 -9.26 -7.56
N PRO A 55 -18.95 -9.76 -7.08
CA PRO A 55 -19.80 -10.64 -7.89
C PRO A 55 -20.68 -9.93 -8.93
N ASN A 56 -20.72 -8.61 -8.87
CA ASN A 56 -21.56 -7.82 -9.76
C ASN A 56 -20.74 -7.22 -10.90
N GLU A 57 -21.29 -6.21 -11.57
CA GLU A 57 -20.69 -5.62 -12.76
C GLU A 57 -19.36 -4.92 -12.48
N VAL A 58 -19.09 -4.61 -11.21
CA VAL A 58 -17.84 -3.98 -10.80
C VAL A 58 -16.67 -4.96 -10.84
N GLY A 59 -16.95 -6.21 -10.56
CA GLY A 59 -15.90 -7.21 -10.54
C GLY A 59 -15.48 -7.72 -11.89
N ASP A 60 -14.37 -8.47 -11.86
CA ASP A 60 -13.91 -9.23 -13.00
C ASP A 60 -13.20 -10.46 -12.44
N ARG A 61 -14.01 -11.43 -12.01
CA ARG A 61 -13.49 -12.60 -11.31
C ARG A 61 -12.62 -13.46 -12.21
N ASP A 62 -12.96 -13.54 -13.49
CA ASP A 62 -12.17 -14.31 -14.42
C ASP A 62 -10.76 -13.71 -14.50
N ARG A 63 -10.69 -12.39 -14.64
CA ARG A 63 -9.40 -11.71 -14.63
C ARG A 63 -8.67 -11.91 -13.31
N LEU A 64 -9.37 -11.82 -12.19
CA LEU A 64 -8.69 -11.96 -10.91
C LEU A 64 -7.95 -13.28 -10.80
N ALA A 65 -8.60 -14.38 -11.16
CA ALA A 65 -7.94 -15.67 -11.10
C ALA A 65 -6.73 -15.70 -12.01
N LYS A 66 -6.87 -15.17 -13.23
CA LYS A 66 -5.77 -15.14 -14.18
C LYS A 66 -4.59 -14.28 -13.69
N GLU A 67 -4.91 -13.16 -13.05
CA GLU A 67 -3.88 -12.29 -12.49
C GLU A 67 -3.12 -13.03 -11.40
N LEU A 68 -3.85 -13.66 -10.48
CA LEU A 68 -3.21 -14.37 -9.39
C LEU A 68 -2.38 -15.54 -9.89
N ASP A 69 -2.86 -16.23 -10.93
CA ASP A 69 -2.08 -17.30 -11.55
C ASP A 69 -0.76 -16.77 -12.09
N ASN A 70 -0.81 -15.63 -12.79
CA ASN A 70 0.39 -15.05 -13.39
C ASN A 70 1.35 -14.58 -12.30
N LEU A 71 0.81 -13.91 -11.30
CA LEU A 71 1.60 -13.44 -10.17
C LEU A 71 2.29 -14.60 -9.44
N LYS A 72 1.55 -15.69 -9.19
CA LYS A 72 2.12 -16.86 -8.54
C LYS A 72 3.25 -17.44 -9.39
N ALA A 73 3.05 -17.47 -10.71
CA ALA A 73 4.07 -18.00 -11.61
C ALA A 73 5.35 -17.16 -11.62
N ILE A 74 5.21 -15.87 -11.30
CA ILE A 74 6.30 -14.88 -11.18
C ILE A 74 6.94 -14.89 -9.80
N GLY A 75 6.43 -15.73 -8.89
CA GLY A 75 6.99 -15.85 -7.55
C GLY A 75 6.44 -14.88 -6.51
N VAL A 76 5.33 -14.24 -6.82
CA VAL A 76 4.68 -13.30 -5.89
C VAL A 76 3.94 -14.10 -4.81
N ASN A 77 4.21 -13.80 -3.55
CA ASN A 77 3.54 -14.47 -2.45
C ASN A 77 2.61 -13.58 -1.63
N ASN A 78 2.53 -12.29 -1.97
CA ASN A 78 1.85 -11.33 -1.12
C ASN A 78 1.32 -10.16 -1.93
N LEU A 79 0.09 -9.78 -1.65
CA LEU A 79 -0.53 -8.57 -2.19
C LEU A 79 -0.77 -7.57 -1.09
N ARG A 80 -0.61 -6.30 -1.43
CA ARG A 80 -1.04 -5.21 -0.56
C ARG A 80 -2.26 -4.55 -1.22
N VAL A 81 -3.36 -4.54 -0.47
CA VAL A 81 -4.68 -4.32 -1.03
C VAL A 81 -5.49 -3.35 -0.17
N LEU A 82 -6.26 -2.46 -0.81
CA LEU A 82 -7.18 -1.58 -0.11
C LEU A 82 -8.38 -2.36 0.39
N ALA A 83 -8.69 -2.25 1.68
CA ALA A 83 -9.87 -2.95 2.25
C ALA A 83 -11.16 -2.18 2.09
N VAL A 84 -11.09 -0.86 2.14
CA VAL A 84 -12.29 -0.04 2.23
C VAL A 84 -12.06 1.31 1.54
N SER A 85 -13.09 1.80 0.85
CA SER A 85 -13.08 3.10 0.24
C SER A 85 -14.33 3.86 0.67
N GLU A 86 -14.25 5.17 0.59
CA GLU A 86 -15.34 6.09 0.98
C GLU A 86 -15.86 6.83 -0.24
N LYS A 87 -17.18 6.93 -0.36
CA LYS A 87 -17.82 7.52 -1.54
C LYS A 87 -17.37 8.96 -1.74
N SER A 88 -16.94 9.24 -2.97
CA SER A 88 -16.36 10.50 -3.36
C SER A 88 -17.04 11.02 -4.62
N GLU A 89 -17.20 12.33 -4.71
N GLU A 89 -17.14 12.34 -4.69
CA GLU A 89 -17.69 12.97 -5.92
CA GLU A 89 -17.69 13.06 -5.81
C GLU A 89 -16.60 13.80 -6.60
C GLU A 89 -16.59 13.47 -6.81
N ILE A 90 -15.33 13.48 -6.37
CA ILE A 90 -14.23 13.98 -7.19
C ILE A 90 -13.90 13.01 -8.32
N ASN A 91 -13.11 13.46 -9.29
CA ASN A 91 -12.78 12.66 -10.47
C ASN A 91 -11.36 12.11 -10.41
N SER A 92 -10.86 11.93 -9.19
CA SER A 92 -9.59 11.27 -8.94
C SER A 92 -9.75 10.14 -7.93
N ALA A 93 -10.95 9.56 -7.85
CA ALA A 93 -11.24 8.54 -6.83
C ALA A 93 -12.00 7.35 -7.39
N VAL A 94 -11.83 6.20 -6.76
CA VAL A 94 -12.55 5.00 -7.14
C VAL A 94 -14.05 5.14 -6.88
N LYS A 95 -14.80 4.64 -7.85
CA LYS A 95 -16.26 4.57 -7.85
C LYS A 95 -16.64 3.22 -8.44
N PRO A 96 -17.63 2.52 -7.88
CA PRO A 96 -18.33 2.88 -6.65
C PRO A 96 -17.44 2.63 -5.43
N ALA A 97 -17.92 3.05 -4.26
CA ALA A 97 -17.21 2.93 -3.00
C ALA A 97 -17.82 1.89 -2.09
N VAL A 98 -17.02 1.40 -1.16
CA VAL A 98 -17.52 0.47 -0.15
C VAL A 98 -18.42 1.16 0.87
N THR A 99 -18.09 2.39 1.25
CA THR A 99 -18.78 3.10 2.32
C THR A 99 -19.51 4.29 1.74
N ASN A 100 -20.84 4.19 1.64
CA ASN A 100 -21.66 5.24 1.03
C ASN A 100 -22.27 6.11 2.12
N GLY A 101 -21.40 6.90 2.75
CA GLY A 101 -21.73 7.62 3.98
C GLY A 101 -21.50 6.73 5.18
N PHE A 102 -21.27 7.32 6.33
CA PHE A 102 -20.87 6.55 7.51
C PHE A 102 -21.85 5.40 7.79
N GLY A 103 -21.29 4.22 8.01
CA GLY A 103 -22.08 3.04 8.39
C GLY A 103 -22.76 2.31 7.25
N ASN A 104 -22.75 2.87 6.06
CA ASN A 104 -23.50 2.34 4.93
C ASN A 104 -22.62 1.51 4.00
N TYR A 105 -22.34 0.28 4.39
CA TYR A 105 -21.36 -0.53 3.71
C TYR A 105 -21.99 -1.38 2.62
N ASP A 106 -21.36 -1.39 1.46
CA ASP A 106 -21.82 -2.18 0.32
C ASP A 106 -21.40 -3.62 0.53
N GLU A 107 -22.34 -4.43 1.01
CA GLU A 107 -22.09 -5.84 1.25
C GLU A 107 -21.71 -6.62 0.00
N THR A 108 -22.25 -6.23 -1.16
CA THR A 108 -21.88 -6.89 -2.41
C THR A 108 -20.42 -6.65 -2.72
N LEU A 109 -19.91 -5.44 -2.49
CA LEU A 109 -18.49 -5.19 -2.68
C LEU A 109 -17.64 -5.90 -1.66
N LEU A 110 -18.10 -6.01 -0.43
CA LEU A 110 -17.36 -6.76 0.58
C LEU A 110 -17.26 -8.25 0.23
N GLN A 111 -18.21 -8.79 -0.51
CA GLN A 111 -18.11 -10.17 -1.01
C GLN A 111 -16.92 -10.31 -1.94
N GLY A 112 -16.50 -9.22 -2.57
CA GLY A 112 -15.29 -9.23 -3.38
C GLY A 112 -14.02 -9.49 -2.56
N LEU A 113 -13.95 -8.92 -1.37
CA LEU A 113 -12.88 -9.23 -0.45
C LEU A 113 -12.95 -10.70 -0.02
N ASP A 114 -14.16 -11.18 0.28
CA ASP A 114 -14.32 -12.60 0.61
C ASP A 114 -13.76 -13.49 -0.50
N TYR A 115 -14.12 -13.16 -1.75
CA TYR A 115 -13.69 -13.92 -2.91
C TYR A 115 -12.18 -13.86 -3.09
N LEU A 116 -11.60 -12.67 -2.91
CA LEU A 116 -10.16 -12.52 -2.99
C LEU A 116 -9.48 -13.45 -1.98
N LEU A 117 -9.98 -13.50 -0.74
CA LEU A 117 -9.36 -14.31 0.29
C LEU A 117 -9.44 -15.81 -0.03
N VAL A 118 -10.55 -16.24 -0.62
CA VAL A 118 -10.67 -17.62 -1.13
C VAL A 118 -9.62 -17.90 -2.21
N GLU A 119 -9.49 -16.98 -3.16
CA GLU A 119 -8.57 -17.17 -4.30
C GLU A 119 -7.11 -17.17 -3.87
N LEU A 120 -6.76 -16.28 -2.94
CA LEU A 120 -5.39 -16.24 -2.42
C LEU A 120 -5.06 -17.52 -1.67
N ALA A 121 -6.00 -18.00 -0.87
CA ALA A 121 -5.78 -19.20 -0.08
C ALA A 121 -5.49 -20.41 -0.98
N LYS A 122 -6.15 -20.50 -2.13
CA LYS A 122 -5.89 -21.62 -3.08
C LYS A 122 -4.46 -21.65 -3.56
N ARG A 123 -3.81 -20.48 -3.58
CA ARG A 123 -2.50 -20.28 -4.15
C ARG A 123 -1.41 -20.05 -3.11
N ASP A 124 -1.73 -20.23 -1.83
CA ASP A 124 -0.77 -19.98 -0.74
C ASP A 124 -0.11 -18.59 -0.83
N MET A 125 -0.95 -17.61 -1.12
CA MET A 125 -0.58 -16.21 -1.13
C MET A 125 -1.23 -15.53 0.06
N THR A 126 -0.60 -14.47 0.56
CA THR A 126 -1.18 -13.69 1.66
C THR A 126 -1.46 -12.25 1.24
N VAL A 127 -2.13 -11.52 2.12
CA VAL A 127 -2.52 -10.14 1.84
C VAL A 127 -2.35 -9.24 3.06
N VAL A 128 -1.88 -8.03 2.79
CA VAL A 128 -1.86 -6.93 3.75
C VAL A 128 -2.99 -6.00 3.34
N LEU A 129 -3.92 -5.75 4.27
CA LEU A 129 -5.14 -4.99 4.00
C LEU A 129 -5.10 -3.65 4.75
N TYR A 130 -5.14 -2.54 4.03
CA TYR A 130 -5.15 -1.22 4.66
C TYR A 130 -6.55 -0.59 4.69
N PHE A 131 -6.82 0.10 5.77
CA PHE A 131 -8.20 0.48 6.13
C PHE A 131 -8.56 1.94 5.92
N ASN A 132 -7.69 2.71 5.31
CA ASN A 132 -7.94 4.15 5.11
C ASN A 132 -6.83 4.63 4.19
N ASN A 133 -6.80 5.92 3.94
CA ASN A 133 -5.89 6.48 2.95
C ASN A 133 -5.66 7.92 3.35
N PHE A 134 -4.40 8.32 3.43
CA PHE A 134 -4.08 9.74 3.59
C PHE A 134 -4.50 10.52 2.36
N TRP A 135 -4.40 9.87 1.20
CA TRP A 135 -4.65 10.52 -0.08
C TRP A 135 -6.11 10.34 -0.50
N GLN A 136 -6.46 10.94 -1.64
CA GLN A 136 -7.86 11.13 -2.05
C GLN A 136 -8.44 10.02 -2.88
N TRP A 137 -7.61 9.10 -3.36
CA TRP A 137 -8.06 8.21 -4.42
C TRP A 137 -9.03 7.12 -3.98
N SER A 138 -9.18 6.94 -2.67
CA SER A 138 -10.21 6.06 -2.11
C SER A 138 -11.12 6.82 -1.15
N GLY A 139 -11.17 8.13 -1.30
CA GLY A 139 -11.87 9.00 -0.35
C GLY A 139 -10.95 9.31 0.80
N GLY A 140 -10.87 8.36 1.71
CA GLY A 140 -9.89 8.41 2.79
C GLY A 140 -10.15 9.49 3.81
N MET A 141 -9.11 9.95 4.46
CA MET A 141 -9.25 10.82 5.61
C MET A 141 -9.96 12.14 5.30
N THR A 142 -9.68 12.73 4.14
CA THR A 142 -10.36 13.98 3.79
C THR A 142 -11.81 13.75 3.48
N GLN A 143 -12.18 12.55 3.04
CA GLN A 143 -13.59 12.24 2.82
C GLN A 143 -14.34 12.07 4.14
N TYR A 144 -13.70 11.49 5.16
CA TYR A 144 -14.28 11.51 6.51
C TYR A 144 -14.59 12.93 6.93
N MET A 145 -13.64 13.83 6.74
CA MET A 145 -13.80 15.20 7.23
C MET A 145 -14.88 15.93 6.43
N ALA A 146 -14.98 15.64 5.15
CA ALA A 146 -15.99 16.25 4.28
C ALA A 146 -17.39 15.86 4.74
N TRP A 147 -17.59 14.60 5.08
CA TRP A 147 -18.87 14.15 5.61
C TRP A 147 -19.18 14.79 6.96
N ILE A 148 -18.17 14.91 7.81
CA ILE A 148 -18.37 15.47 9.15
C ILE A 148 -18.71 16.97 9.06
N GLU A 149 -18.05 17.66 8.15
CA GLU A 149 -18.16 19.11 8.04
C GLU A 149 -19.24 19.57 7.06
N GLY A 150 -19.81 18.63 6.29
CA GLY A 150 -20.78 18.94 5.26
C GLY A 150 -20.27 19.83 4.15
N GLU A 151 -18.97 19.72 3.83
CA GLU A 151 -18.36 20.49 2.74
C GLU A 151 -17.68 19.52 1.79
N PRO A 152 -17.69 19.80 0.49
CA PRO A 152 -17.10 18.90 -0.50
C PRO A 152 -15.59 18.79 -0.37
N VAL A 153 -15.05 17.62 -0.71
CA VAL A 153 -13.61 17.44 -0.83
C VAL A 153 -13.09 18.29 -1.98
N GLN A 154 -11.95 18.94 -1.72
CA GLN A 154 -11.20 19.68 -2.73
C GLN A 154 -10.09 18.78 -3.25
N ASP A 155 -10.26 18.30 -4.48
CA ASP A 155 -9.31 17.36 -5.09
C ASP A 155 -8.00 18.08 -5.33
N PRO A 156 -6.90 17.65 -4.71
CA PRO A 156 -5.63 18.35 -4.90
C PRO A 156 -5.09 18.25 -6.33
N ASN A 157 -5.58 17.30 -7.12
CA ASN A 157 -5.26 17.25 -8.55
C ASN A 157 -5.82 18.47 -9.30
N VAL A 158 -6.91 19.03 -8.77
CA VAL A 158 -7.55 20.22 -9.34
C VAL A 158 -6.96 21.50 -8.73
N THR A 159 -6.87 21.55 -7.41
CA THR A 159 -6.45 22.79 -6.73
C THR A 159 -4.96 23.03 -6.76
N ASN A 160 -4.18 21.95 -6.86
CA ASN A 160 -2.74 21.98 -6.64
C ASN A 160 -2.32 22.52 -5.27
N GLU A 161 -3.23 22.46 -4.30
CA GLU A 161 -2.90 22.99 -2.98
C GLU A 161 -2.64 21.84 -2.01
N TRP A 162 -1.47 21.27 -2.22
CA TRP A 162 -1.07 20.04 -1.53
C TRP A 162 -0.79 20.26 -0.05
N GLU A 163 -0.20 21.38 0.32
CA GLU A 163 0.04 21.64 1.73
C GLU A 163 -1.27 21.74 2.49
N ALA A 164 -2.26 22.41 1.92
CA ALA A 164 -3.57 22.55 2.51
C ALA A 164 -4.24 21.18 2.62
N PHE A 165 -4.09 20.37 1.58
CA PHE A 165 -4.69 19.04 1.54
C PHE A 165 -4.15 18.18 2.68
N MET A 166 -2.83 18.18 2.84
CA MET A 166 -2.20 17.35 3.86
C MET A 166 -2.60 17.79 5.26
N ALA A 167 -2.76 19.10 5.50
CA ALA A 167 -3.23 19.56 6.78
C ALA A 167 -4.66 19.08 7.02
N LYS A 168 -5.49 19.16 5.99
CA LYS A 168 -6.86 18.73 6.10
C LYS A 168 -6.95 17.24 6.40
N SER A 169 -6.15 16.46 5.68
CA SER A 169 -6.19 15.03 5.84
C SER A 169 -5.78 14.65 7.27
N ALA A 170 -4.73 15.29 7.79
CA ALA A 170 -4.28 15.01 9.15
C ALA A 170 -5.24 15.49 10.23
N SER A 171 -6.14 16.42 9.91
CA SER A 171 -7.15 16.83 10.88
C SER A 171 -8.05 15.67 11.31
N PHE A 172 -8.09 14.62 10.47
CA PHE A 172 -8.75 13.37 10.81
C PHE A 172 -8.33 12.84 12.20
N TYR A 173 -7.04 12.90 12.55
CA TYR A 173 -6.61 12.32 13.83
C TYR A 173 -7.20 13.03 15.03
N ARG A 174 -7.48 14.32 14.87
CA ARG A 174 -7.98 15.16 15.95
C ARG A 174 -9.48 15.14 16.11
N SER A 175 -10.18 14.47 15.21
CA SER A 175 -11.63 14.44 15.22
C SER A 175 -12.12 13.21 15.95
N GLU A 176 -12.76 13.42 17.08
CA GLU A 176 -13.30 12.28 17.82
C GLU A 176 -14.39 11.58 17.03
N LYS A 177 -15.23 12.29 16.29
CA LYS A 177 -16.23 11.68 15.43
C LYS A 177 -15.56 10.82 14.34
N ALA A 178 -14.51 11.34 13.71
CA ALA A 178 -13.82 10.58 12.66
C ALA A 178 -13.24 9.31 13.25
N GLN A 179 -12.65 9.39 14.43
CA GLN A 179 -12.06 8.20 15.05
C GLN A 179 -13.12 7.17 15.41
N GLN A 180 -14.28 7.64 15.85
CA GLN A 180 -15.38 6.72 16.14
C GLN A 180 -15.81 5.96 14.89
N GLU A 181 -15.90 6.67 13.77
CA GLU A 181 -16.31 6.11 12.51
C GLU A 181 -15.22 5.19 11.92
N TYR A 182 -13.96 5.58 12.10
CA TYR A 182 -12.84 4.75 11.69
C TYR A 182 -12.82 3.43 12.46
N ARG A 183 -12.98 3.50 13.78
CA ARG A 183 -13.00 2.29 14.59
C ARG A 183 -14.19 1.40 14.20
N LYS A 184 -15.33 2.00 13.83
CA LYS A 184 -16.47 1.20 13.36
C LYS A 184 -16.15 0.46 12.06
N THR A 185 -15.41 1.11 11.16
CA THR A 185 -14.99 0.48 9.91
C THR A 185 -14.01 -0.66 10.18
N LEU A 186 -13.04 -0.41 11.06
CA LEU A 186 -12.11 -1.46 11.47
C LEU A 186 -12.87 -2.66 12.00
N GLU A 187 -13.79 -2.42 12.92
CA GLU A 187 -14.55 -3.50 13.50
C GLU A 187 -15.40 -4.22 12.43
N LYS A 188 -15.98 -3.47 11.50
CA LYS A 188 -16.86 -4.06 10.45
C LYS A 188 -16.13 -5.11 9.65
N ILE A 189 -14.89 -4.81 9.28
CA ILE A 189 -14.12 -5.70 8.46
C ILE A 189 -13.46 -6.78 9.30
N ILE A 190 -12.87 -6.42 10.44
CA ILE A 190 -12.10 -7.39 11.20
C ILE A 190 -13.02 -8.49 11.75
N THR A 191 -14.24 -8.12 12.16
CA THR A 191 -15.17 -9.12 12.69
C THR A 191 -16.00 -9.81 11.60
N ARG A 192 -15.73 -9.52 10.34
CA ARG A 192 -16.45 -10.16 9.23
C ARG A 192 -16.28 -11.67 9.23
N VAL A 193 -17.31 -12.37 8.77
CA VAL A 193 -17.22 -13.76 8.39
C VAL A 193 -17.19 -13.85 6.86
N ASN A 194 -16.24 -14.60 6.32
CA ASN A 194 -16.18 -14.80 4.89
C ASN A 194 -17.46 -15.49 4.44
N SER A 195 -18.25 -14.79 3.64
CA SER A 195 -19.56 -15.30 3.20
C SER A 195 -19.47 -16.52 2.29
N ILE A 196 -18.30 -16.78 1.70
CA ILE A 196 -18.10 -17.91 0.81
C ILE A 196 -17.62 -19.14 1.58
N ASN A 197 -16.50 -19.06 2.30
CA ASN A 197 -15.97 -20.23 2.99
C ASN A 197 -16.31 -20.34 4.47
N GLY A 198 -16.96 -19.33 5.03
CA GLY A 198 -17.38 -19.38 6.42
C GLY A 198 -16.30 -19.07 7.44
N LYS A 199 -15.08 -18.73 7.02
CA LYS A 199 -14.01 -18.43 7.96
C LYS A 199 -14.21 -17.04 8.54
N ALA A 200 -14.13 -16.91 9.86
CA ALA A 200 -14.03 -15.59 10.49
C ALA A 200 -12.73 -14.98 9.99
N TYR A 201 -12.76 -13.71 9.65
CA TYR A 201 -11.53 -13.03 9.19
C TYR A 201 -10.42 -13.16 10.23
N VAL A 202 -10.76 -13.11 11.51
CA VAL A 202 -9.72 -13.20 12.55
C VAL A 202 -9.02 -14.57 12.55
N ASP A 203 -9.68 -15.59 11.97
CA ASP A 203 -9.12 -16.94 11.89
C ASP A 203 -8.43 -17.26 10.57
N ASP A 204 -8.44 -16.32 9.63
CA ASP A 204 -7.93 -16.58 8.29
C ASP A 204 -6.45 -16.21 8.14
N ALA A 205 -5.60 -17.22 8.02
CA ALA A 205 -4.17 -17.03 7.85
C ALA A 205 -3.79 -16.46 6.48
N THR A 206 -4.75 -16.39 5.56
CA THR A 206 -4.53 -15.71 4.29
C THR A 206 -4.22 -14.23 4.50
N ILE A 207 -4.80 -13.67 5.56
CA ILE A 207 -4.52 -12.28 5.92
C ILE A 207 -3.21 -12.26 6.70
N MET A 208 -2.19 -11.62 6.13
CA MET A 208 -0.91 -11.43 6.79
C MET A 208 -0.97 -10.35 7.85
N SER A 209 -1.56 -9.22 7.49
CA SER A 209 -1.55 -8.06 8.36
C SER A 209 -2.74 -7.14 8.12
N TRP A 210 -3.27 -6.60 9.20
CA TRP A 210 -4.09 -5.41 9.16
C TRP A 210 -3.20 -4.20 9.10
N GLN A 211 -3.58 -3.17 8.37
CA GLN A 211 -2.75 -1.99 8.22
C GLN A 211 -3.58 -0.74 8.40
N LEU A 212 -3.10 0.18 9.23
CA LEU A 212 -3.93 1.32 9.63
C LEU A 212 -4.45 2.14 8.46
N ALA A 213 -3.56 2.48 7.54
CA ALA A 213 -3.91 3.34 6.42
C ALA A 213 -2.83 3.27 5.38
N ASN A 214 -3.14 3.78 4.20
CA ASN A 214 -2.12 4.00 3.17
C ASN A 214 -1.43 5.33 3.43
N GLU A 215 -0.15 5.30 3.80
CA GLU A 215 0.70 6.48 3.92
C GLU A 215 0.17 7.56 4.90
N PRO A 216 -0.23 7.15 6.11
CA PRO A 216 -0.64 8.18 7.08
C PRO A 216 0.54 9.08 7.39
N ARG A 217 0.32 10.40 7.31
CA ARG A 217 1.34 11.38 7.67
C ARG A 217 0.82 12.28 8.78
N PRO A 218 1.70 12.93 9.55
CA PRO A 218 1.26 13.84 10.62
C PRO A 218 0.61 15.14 10.18
N GLY A 219 0.81 15.50 8.93
CA GLY A 219 0.39 16.78 8.39
C GLY A 219 1.29 17.21 7.25
N ASN A 220 1.33 18.52 7.01
CA ASN A 220 2.13 19.09 5.96
C ASN A 220 3.52 19.49 6.45
N SER A 221 4.23 20.29 5.66
CA SER A 221 5.58 20.70 5.97
C SER A 221 5.68 21.55 7.25
N GLN A 222 4.58 22.15 7.64
CA GLN A 222 4.50 23.03 8.82
C GLN A 222 3.80 22.37 10.01
N THR A 223 3.90 21.04 10.12
CA THR A 223 3.33 20.32 11.26
C THR A 223 4.00 20.74 12.58
N THR A 224 3.18 20.97 13.61
CA THR A 224 3.69 21.36 14.92
C THR A 224 4.11 20.15 15.74
N ALA A 225 4.83 20.40 16.83
CA ALA A 225 5.19 19.36 17.75
C ALA A 225 3.97 18.67 18.33
N GLU A 226 2.94 19.43 18.68
CA GLU A 226 1.69 18.85 19.16
C GLU A 226 1.08 17.93 18.11
N GLU A 227 1.07 18.36 16.85
CA GLU A 227 0.51 17.54 15.78
C GLU A 227 1.34 16.26 15.60
N LYS A 228 2.66 16.34 15.79
CA LYS A 228 3.48 15.12 15.72
C LYS A 228 3.05 14.14 16.80
N GLN A 229 2.85 14.65 18.01
CA GLN A 229 2.43 13.79 19.13
C GLN A 229 1.04 13.20 18.92
N ILE A 230 0.11 13.98 18.38
CA ILE A 230 -1.22 13.48 18.05
C ILE A 230 -1.12 12.29 17.08
N TYR A 231 -0.26 12.41 16.09
CA TYR A 231 -0.04 11.32 15.14
C TYR A 231 0.55 10.08 15.80
N ILE A 232 1.59 10.27 16.60
CA ILE A 232 2.19 9.16 17.34
C ILE A 232 1.14 8.43 18.19
N ASP A 233 0.34 9.21 18.91
CA ASP A 233 -0.67 8.65 19.79
C ASP A 233 -1.76 7.94 18.99
N TRP A 234 -2.08 8.46 17.79
CA TRP A 234 -3.05 7.83 16.91
C TRP A 234 -2.58 6.45 16.47
N VAL A 235 -1.33 6.35 16.05
CA VAL A 235 -0.79 5.07 15.60
C VAL A 235 -0.86 4.09 16.77
N HIS A 236 -0.44 4.53 17.94
CA HIS A 236 -0.46 3.65 19.13
C HIS A 236 -1.88 3.18 19.44
N ALA A 237 -2.82 4.11 19.45
CA ALA A 237 -4.17 3.79 19.91
C ALA A 237 -4.92 2.95 18.89
N ALA A 238 -4.72 3.22 17.61
CA ALA A 238 -5.39 2.46 16.56
C ALA A 238 -4.87 1.05 16.54
N ALA A 239 -3.55 0.89 16.65
CA ALA A 239 -2.97 -0.46 16.71
C ALA A 239 -3.48 -1.23 17.92
N ALA A 240 -3.53 -0.55 19.07
CA ALA A 240 -4.02 -1.19 20.28
C ALA A 240 -5.47 -1.61 20.09
N TYR A 241 -6.26 -0.76 19.44
CA TYR A 241 -7.67 -1.07 19.23
C TYR A 241 -7.82 -2.33 18.39
N ILE A 242 -7.06 -2.42 17.32
CA ILE A 242 -7.13 -3.61 16.48
C ILE A 242 -6.79 -4.86 17.28
N LYS A 243 -5.80 -4.78 18.16
CA LYS A 243 -5.43 -5.93 18.98
C LYS A 243 -6.54 -6.33 19.94
N THR A 244 -7.43 -5.44 20.34
CA THR A 244 -8.59 -5.86 21.15
C THR A 244 -9.58 -6.71 20.37
N LEU A 245 -9.62 -6.52 19.05
CA LEU A 245 -10.48 -7.31 18.16
C LEU A 245 -9.82 -8.60 17.66
N ASP A 246 -8.49 -8.61 17.61
CA ASP A 246 -7.75 -9.68 16.96
C ASP A 246 -6.36 -9.70 17.56
N ALA A 247 -6.13 -10.62 18.49
CA ALA A 247 -4.88 -10.62 19.25
C ALA A 247 -3.72 -11.18 18.46
N HIS A 248 -3.99 -11.86 17.33
N HIS A 248 -4.04 -11.66 17.27
CA HIS A 248 -3.03 -12.76 16.65
C HIS A 248 -2.71 -12.49 15.14
C HIS A 248 -2.43 -11.98 15.30
N HIS A 249 -3.34 -11.52 14.47
N HIS A 249 -3.33 -11.64 14.38
CA HIS A 249 -2.82 -11.07 13.15
C HIS A 249 -1.83 -9.94 13.42
N LEU A 250 -0.86 -9.82 12.54
CA LEU A 250 0.07 -8.70 12.58
C LEU A 250 -0.64 -7.39 12.25
N VAL A 251 -0.10 -6.31 12.81
CA VAL A 251 -0.58 -4.97 12.59
C VAL A 251 0.59 -4.08 12.18
N SER A 252 0.37 -3.29 11.12
CA SER A 252 1.35 -2.30 10.65
C SER A 252 0.65 -1.00 10.37
N SER A 253 1.41 0.08 10.18
CA SER A 253 0.82 1.40 10.02
C SER A 253 0.55 1.83 8.58
N GLY A 254 1.38 1.38 7.65
CA GLY A 254 1.34 1.85 6.26
C GLY A 254 2.16 3.10 6.01
N SER A 255 2.97 3.49 6.98
CA SER A 255 3.83 4.67 6.85
C SER A 255 4.87 4.52 5.74
N GLU A 256 5.19 5.65 5.13
CA GLU A 256 6.30 5.78 4.19
C GLU A 256 7.69 5.75 4.84
N GLY A 257 7.75 5.91 6.15
CA GLY A 257 9.00 6.06 6.84
C GLY A 257 9.22 7.52 7.19
N GLU A 258 10.48 7.94 7.21
CA GLU A 258 10.86 9.30 7.56
C GLU A 258 10.14 10.33 6.70
N MET A 259 9.97 10.07 5.41
CA MET A 259 9.30 11.04 4.54
C MET A 259 7.81 11.18 4.88
N GLY A 260 7.23 10.15 5.47
CA GLY A 260 5.86 10.17 5.94
C GLY A 260 5.72 10.59 7.40
N SER A 261 6.79 11.16 7.94
CA SER A 261 6.90 11.53 9.36
C SER A 261 7.40 12.98 9.46
N VAL A 262 6.99 13.83 8.50
CA VAL A 262 7.45 15.21 8.39
C VAL A 262 8.97 15.32 8.44
N ASN A 263 9.64 14.34 7.83
N ASN A 263 9.65 14.39 7.79
CA ASN A 263 11.09 14.28 7.76
CA ASN A 263 11.12 14.32 7.78
C ASN A 263 11.81 14.22 9.09
C ASN A 263 11.72 14.42 9.18
N ASP A 264 11.10 13.69 10.10
CA ASP A 264 11.57 13.62 11.47
C ASP A 264 11.61 12.15 11.84
N MET A 265 12.80 11.55 11.78
CA MET A 265 12.92 10.13 12.04
C MET A 265 12.46 9.77 13.45
N GLN A 266 12.59 10.68 14.41
CA GLN A 266 12.13 10.39 15.76
C GLN A 266 10.63 10.20 15.84
N VAL A 267 9.88 10.88 14.99
CA VAL A 267 8.43 10.67 14.91
C VAL A 267 8.17 9.25 14.42
N PHE A 268 8.91 8.83 13.40
CA PHE A 268 8.77 7.45 12.91
C PHE A 268 9.08 6.43 14.00
N ILE A 269 10.19 6.62 14.70
CA ILE A 269 10.57 5.72 15.79
C ILE A 269 9.49 5.68 16.86
N ASP A 270 9.12 6.85 17.36
CA ASP A 270 8.17 6.92 18.45
C ASP A 270 6.81 6.32 18.08
N ALA A 271 6.33 6.58 16.87
CA ALA A 271 5.04 6.07 16.44
C ALA A 271 5.05 4.56 16.37
N HIS A 272 6.19 3.98 16.02
CA HIS A 272 6.25 2.53 15.77
C HIS A 272 6.94 1.77 16.90
N ALA A 273 7.22 2.44 18.02
CA ALA A 273 7.84 1.77 19.17
C ALA A 273 6.89 0.92 20.01
N THR A 274 5.60 1.01 19.74
CA THR A 274 4.62 0.25 20.50
C THR A 274 4.68 -1.24 20.14
N PRO A 275 4.51 -2.13 21.11
CA PRO A 275 4.46 -3.56 20.77
C PRO A 275 3.26 -3.96 19.91
N ASP A 276 2.26 -3.10 19.80
CA ASP A 276 1.10 -3.40 18.98
C ASP A 276 1.37 -3.17 17.49
N ILE A 277 2.50 -2.56 17.14
CA ILE A 277 2.96 -2.51 15.75
C ILE A 277 3.95 -3.65 15.61
N ASP A 278 3.61 -4.67 14.82
CA ASP A 278 4.47 -5.85 14.74
C ASP A 278 5.66 -5.73 13.82
N TYR A 279 5.51 -4.96 12.75
CA TYR A 279 6.61 -4.77 11.80
C TYR A 279 6.56 -3.38 11.22
N LEU A 280 7.66 -2.99 10.58
CA LEU A 280 7.83 -1.66 10.04
C LEU A 280 7.68 -1.67 8.53
N THR A 281 7.20 -0.54 8.04
CA THR A 281 7.05 -0.27 6.63
C THR A 281 7.85 0.97 6.27
N TYR A 282 8.35 0.97 5.05
CA TYR A 282 8.77 2.19 4.39
C TYR A 282 8.43 2.16 2.93
N HIS A 283 8.29 3.34 2.34
CA HIS A 283 7.94 3.50 0.94
C HIS A 283 9.02 4.38 0.33
N MET A 284 9.23 4.29 -0.97
CA MET A 284 10.11 5.22 -1.66
C MET A 284 9.47 5.71 -2.93
N TRP A 285 9.45 7.03 -3.10
CA TRP A 285 8.89 7.67 -4.27
C TRP A 285 9.89 8.69 -4.80
N ILE A 286 10.94 8.20 -5.45
CA ILE A 286 12.08 9.05 -5.80
C ILE A 286 11.70 10.16 -6.79
N ARG A 287 10.73 9.92 -7.66
CA ARG A 287 10.28 10.96 -8.59
C ARG A 287 9.38 11.98 -7.88
N ASN A 288 8.39 11.51 -7.13
CA ASN A 288 7.45 12.41 -6.44
C ASN A 288 8.21 13.31 -5.48
N TRP A 289 9.29 12.80 -4.90
CA TRP A 289 10.09 13.53 -3.92
C TRP A 289 11.12 14.47 -4.57
N SER A 290 11.11 14.52 -5.89
CA SER A 290 11.97 15.37 -6.73
C SER A 290 13.43 14.98 -6.72
N TRP A 291 13.74 13.78 -6.26
CA TRP A 291 15.10 13.24 -6.38
C TRP A 291 15.44 12.87 -7.82
N PHE A 292 14.43 12.40 -8.56
CA PHE A 292 14.54 11.93 -9.93
C PHE A 292 13.57 12.75 -10.77
N ASP A 293 14.04 13.22 -11.93
CA ASP A 293 13.25 13.96 -12.91
C ASP A 293 12.97 13.01 -14.06
N LYS A 294 11.71 12.65 -14.26
CA LYS A 294 11.35 11.66 -15.27
C LYS A 294 11.64 12.10 -16.70
N THR A 295 11.79 13.42 -16.91
CA THR A 295 12.14 13.98 -18.22
C THR A 295 13.64 14.24 -18.38
N LYS A 296 14.40 14.10 -17.30
CA LYS A 296 15.87 14.21 -17.33
C LYS A 296 16.46 13.06 -16.51
N PRO A 297 16.16 11.83 -16.91
CA PRO A 297 16.54 10.67 -16.10
C PRO A 297 18.05 10.44 -16.04
N ALA A 298 18.78 10.56 -17.15
CA ALA A 298 20.22 10.32 -17.10
C ALA A 298 20.93 11.32 -16.19
N GLU A 299 20.47 12.56 -16.20
CA GLU A 299 21.09 13.63 -15.43
C GLU A 299 20.83 13.48 -13.93
N THR A 300 19.66 12.97 -13.56
CA THR A 300 19.23 12.96 -12.17
C THR A 300 19.34 11.61 -11.50
N TRP A 301 19.46 10.54 -12.28
CA TRP A 301 19.48 9.19 -11.70
C TRP A 301 20.64 9.00 -10.69
N PRO A 302 21.86 9.42 -11.00
CA PRO A 302 22.95 9.16 -10.03
C PRO A 302 22.65 9.71 -8.63
N SER A 303 22.20 10.95 -8.57
CA SER A 303 21.89 11.56 -7.29
C SER A 303 20.63 10.93 -6.67
N ALA A 304 19.64 10.58 -7.48
CA ALA A 304 18.44 9.91 -6.96
C ALA A 304 18.81 8.59 -6.30
N TRP A 305 19.72 7.85 -6.93
CA TRP A 305 20.12 6.55 -6.41
C TRP A 305 20.90 6.69 -5.10
N GLU A 306 21.74 7.72 -5.00
CA GLU A 306 22.44 7.99 -3.77
C GLU A 306 21.45 8.23 -2.63
N LYS A 307 20.42 9.04 -2.89
CA LYS A 307 19.43 9.35 -1.88
C LYS A 307 18.61 8.10 -1.53
N ALA A 308 18.27 7.29 -2.53
CA ALA A 308 17.49 6.06 -2.30
C ALA A 308 18.26 5.07 -1.44
N GLN A 309 19.52 4.84 -1.75
CA GLN A 309 20.28 3.89 -0.93
C GLN A 309 20.44 4.41 0.51
N ASN A 310 20.60 5.73 0.68
CA ASN A 310 20.66 6.31 2.02
C ASN A 310 19.35 6.13 2.78
N TYR A 311 18.23 6.30 2.09
CA TYR A 311 16.91 6.11 2.70
C TYR A 311 16.73 4.66 3.14
N MET A 312 17.13 3.72 2.29
CA MET A 312 17.08 2.31 2.66
C MET A 312 17.92 2.04 3.93
N ARG A 313 19.16 2.52 3.92
N ARG A 313 19.16 2.51 3.91
CA ARG A 313 20.06 2.24 5.04
CA ARG A 313 20.09 2.31 5.02
C ARG A 313 19.54 2.87 6.34
C ARG A 313 19.52 2.87 6.32
N ALA A 314 18.98 4.07 6.25
CA ALA A 314 18.44 4.76 7.43
C ALA A 314 17.30 3.97 8.07
N HIS A 315 16.45 3.40 7.22
CA HIS A 315 15.31 2.63 7.73
C HIS A 315 15.71 1.24 8.22
N ILE A 316 16.69 0.62 7.57
CA ILE A 316 17.23 -0.64 8.07
C ILE A 316 17.82 -0.41 9.46
N ASP A 317 18.49 0.73 9.66
CA ASP A 317 19.10 1.02 10.97
C ASP A 317 18.03 1.17 12.04
N VAL A 318 16.93 1.84 11.72
CA VAL A 318 15.83 2.00 12.65
C VAL A 318 15.19 0.65 12.96
N ALA A 319 15.09 -0.21 11.95
CA ALA A 319 14.54 -1.54 12.17
C ALA A 319 15.43 -2.35 13.13
N LYS A 320 16.74 -2.17 13.03
CA LYS A 320 17.64 -2.80 14.00
C LYS A 320 17.41 -2.25 15.42
N GLN A 321 17.27 -0.94 15.52
CA GLN A 321 17.02 -0.26 16.81
C GLN A 321 15.75 -0.78 17.48
N LEU A 322 14.69 -0.93 16.69
CA LEU A 322 13.39 -1.34 17.20
C LEU A 322 13.21 -2.85 17.20
N ASN A 323 14.14 -3.57 16.58
CA ASN A 323 14.12 -5.03 16.49
C ASN A 323 12.82 -5.52 15.87
N LYS A 324 12.54 -5.04 14.66
CA LYS A 324 11.33 -5.43 13.91
C LYS A 324 11.68 -5.65 12.45
N PRO A 325 10.94 -6.52 11.78
CA PRO A 325 11.14 -6.68 10.33
C PRO A 325 10.76 -5.39 9.61
N LEU A 326 11.39 -5.16 8.47
CA LEU A 326 11.15 -3.97 7.65
C LEU A 326 10.77 -4.37 6.23
N VAL A 327 9.63 -3.88 5.76
CA VAL A 327 9.14 -4.20 4.41
C VAL A 327 9.05 -2.91 3.59
N LEU A 328 9.71 -2.91 2.43
CA LEU A 328 9.61 -1.82 1.45
C LEU A 328 8.32 -2.09 0.67
N GLU A 329 7.20 -1.72 1.26
CA GLU A 329 5.90 -2.20 0.79
C GLU A 329 5.31 -1.38 -0.34
N GLU A 330 5.98 -0.30 -0.74
CA GLU A 330 5.51 0.50 -1.86
C GLU A 330 6.71 1.27 -2.41
N PHE A 331 7.07 0.99 -3.66
CA PHE A 331 8.10 1.75 -4.37
C PHE A 331 7.92 1.55 -5.86
N GLY A 332 8.15 2.60 -6.64
CA GLY A 332 7.95 2.52 -8.08
C GLY A 332 8.71 3.62 -8.80
N LEU A 333 8.69 3.53 -10.11
CA LEU A 333 9.35 4.53 -10.94
C LEU A 333 8.64 4.63 -12.28
N ASP A 334 8.68 5.81 -12.88
CA ASP A 334 8.01 6.06 -14.13
C ASP A 334 8.60 5.22 -15.24
N ARG A 335 7.84 5.02 -16.32
CA ARG A 335 8.38 4.46 -17.54
C ARG A 335 9.36 5.47 -18.11
N ASP A 336 10.11 5.04 -19.12
CA ASP A 336 11.14 5.93 -19.66
C ASP A 336 10.52 7.19 -20.26
N MET A 337 11.14 8.32 -19.91
CA MET A 337 10.69 9.65 -20.25
C MET A 337 9.27 9.99 -19.77
N GLY A 338 8.79 9.25 -18.77
CA GLY A 338 7.49 9.51 -18.22
C GLY A 338 6.31 9.08 -19.08
N SER A 339 6.55 8.24 -20.07
CA SER A 339 5.47 7.75 -20.94
C SER A 339 4.47 6.93 -20.13
N TYR A 340 3.19 7.01 -20.51
CA TYR A 340 2.15 6.15 -19.96
C TYR A 340 1.82 5.01 -20.91
N ALA A 341 2.42 5.03 -22.10
CA ALA A 341 2.10 4.05 -23.13
C ALA A 341 2.66 2.68 -22.79
N MET A 342 1.84 1.65 -22.97
CA MET A 342 2.26 0.28 -22.70
C MET A 342 3.48 -0.18 -23.48
N ASP A 343 3.66 0.36 -24.69
N ASP A 343 3.65 0.37 -24.68
CA ASP A 343 4.78 -0.04 -25.54
CA ASP A 343 4.75 -0.02 -25.54
C ASP A 343 6.07 0.76 -25.29
C ASP A 343 6.08 0.66 -25.21
N SER A 344 6.06 1.66 -24.31
CA SER A 344 7.26 2.41 -23.95
C SER A 344 8.19 1.52 -23.09
N THR A 345 9.47 1.82 -23.18
CA THR A 345 10.48 1.08 -22.43
C THR A 345 10.50 1.48 -20.96
N THR A 346 11.09 0.60 -20.17
CA THR A 346 11.17 0.74 -18.72
C THR A 346 12.60 0.51 -18.20
N GLU A 347 13.58 1.01 -18.91
N GLU A 347 13.60 0.98 -18.93
CA GLU A 347 14.97 0.81 -18.53
CA GLU A 347 14.98 0.79 -18.51
C GLU A 347 15.32 1.41 -17.17
C GLU A 347 15.31 1.41 -17.16
N TYR A 348 14.87 2.64 -16.90
CA TYR A 348 15.16 3.29 -15.62
C TYR A 348 14.47 2.57 -14.47
N ARG A 349 13.21 2.22 -14.64
CA ARG A 349 12.48 1.44 -13.64
C ARG A 349 13.17 0.11 -13.36
N ASP A 350 13.53 -0.60 -14.43
CA ASP A 350 14.12 -1.91 -14.29
C ASP A 350 15.45 -1.86 -13.55
N ASN A 351 16.28 -0.89 -13.90
CA ASN A 351 17.58 -0.76 -13.24
C ASN A 351 17.46 -0.32 -11.78
N TYR A 352 16.46 0.51 -11.50
CA TYR A 352 16.03 0.91 -10.17
C TYR A 352 15.72 -0.31 -9.31
N PHE A 353 14.82 -1.12 -9.86
CA PHE A 353 14.38 -2.33 -9.19
C PHE A 353 15.57 -3.26 -8.93
N ARG A 354 16.45 -3.42 -9.93
CA ARG A 354 17.65 -4.24 -9.73
C ARG A 354 18.52 -3.72 -8.59
N GLY A 355 18.73 -2.40 -8.54
CA GLY A 355 19.55 -1.82 -7.49
C GLY A 355 18.95 -2.06 -6.10
N VAL A 356 17.64 -1.82 -5.97
CA VAL A 356 16.95 -2.01 -4.71
C VAL A 356 17.01 -3.48 -4.28
N PHE A 357 16.72 -4.38 -5.22
CA PHE A 357 16.71 -5.81 -4.92
C PHE A 357 18.10 -6.32 -4.53
N GLU A 358 19.12 -5.83 -5.24
CA GLU A 358 20.49 -6.23 -4.94
C GLU A 358 20.87 -5.80 -3.51
N LEU A 359 20.60 -4.54 -3.17
CA LEU A 359 20.95 -4.02 -1.86
C LEU A 359 20.17 -4.73 -0.77
N MET A 360 18.88 -4.94 -1.01
CA MET A 360 18.03 -5.61 -0.04
C MET A 360 18.43 -7.06 0.19
N LEU A 361 18.81 -7.75 -0.89
CA LEU A 361 19.20 -9.14 -0.78
C LEU A 361 20.52 -9.26 -0.01
N ALA A 362 21.45 -8.36 -0.25
CA ALA A 362 22.69 -8.32 0.52
C ALA A 362 22.37 -8.10 2.01
N SER A 363 21.43 -7.18 2.29
CA SER A 363 21.01 -6.88 3.65
C SER A 363 20.46 -8.13 4.34
N LEU A 364 19.61 -8.84 3.65
CA LEU A 364 19.01 -10.08 4.14
C LEU A 364 20.08 -11.14 4.40
N GLU A 365 20.99 -11.29 3.45
CA GLU A 365 22.10 -12.25 3.59
C GLU A 365 22.91 -11.97 4.85
N GLN A 366 23.05 -10.69 5.17
CA GLN A 366 23.84 -10.24 6.32
C GLN A 366 23.08 -10.27 7.65
N GLY A 367 21.86 -10.77 7.61
CA GLY A 367 21.04 -10.97 8.80
C GLY A 367 20.30 -9.73 9.27
N GLU A 368 20.24 -8.69 8.43
CA GLU A 368 19.57 -7.45 8.80
C GLU A 368 18.05 -7.63 8.63
N PRO A 369 17.27 -6.77 9.28
CA PRO A 369 15.81 -6.90 9.24
C PRO A 369 15.13 -6.59 7.90
N SER A 370 15.83 -6.61 6.78
CA SER A 370 15.15 -6.46 5.49
C SER A 370 14.32 -7.71 5.27
N ALA A 371 13.01 -7.55 5.21
CA ALA A 371 12.09 -8.69 5.18
C ALA A 371 11.25 -8.75 3.94
N GLY A 372 11.59 -7.93 2.95
CA GLY A 372 10.97 -8.01 1.63
C GLY A 372 10.35 -6.73 1.12
N TYR A 373 9.44 -6.87 0.17
N TYR A 373 9.43 -6.87 0.18
CA TYR A 373 9.03 -5.73 -0.64
CA TYR A 373 9.00 -5.73 -0.62
C TYR A 373 7.70 -5.97 -1.34
C TYR A 373 7.67 -5.97 -1.30
N ASN A 374 7.04 -4.88 -1.72
CA ASN A 374 5.91 -4.92 -2.66
C ASN A 374 6.12 -3.81 -3.68
N ILE A 375 6.37 -4.16 -4.94
N ILE A 375 6.32 -4.18 -4.95
CA ILE A 375 6.47 -3.13 -5.97
CA ILE A 375 6.40 -3.20 -6.03
C ILE A 375 5.14 -2.41 -6.15
C ILE A 375 5.09 -2.41 -6.12
N TRP A 376 5.20 -1.10 -6.37
CA TRP A 376 4.04 -0.31 -6.74
C TRP A 376 4.18 -0.04 -8.22
N ALA A 377 3.35 -0.63 -9.08
CA ALA A 377 2.21 -1.48 -8.74
C ALA A 377 1.96 -2.43 -9.89
N TRP A 378 0.94 -3.27 -9.75
CA TRP A 378 0.64 -4.31 -10.73
C TRP A 378 -0.57 -3.97 -11.60
N ASN A 379 -0.34 -3.82 -12.89
CA ASN A 379 -1.43 -3.61 -13.86
C ASN A 379 -1.85 -4.91 -14.52
N GLY A 380 -0.91 -5.81 -14.78
CA GLY A 380 -1.25 -7.10 -15.33
C GLY A 380 -1.95 -7.03 -16.67
N TYR A 381 -3.09 -7.70 -16.76
CA TYR A 381 -3.89 -7.75 -17.97
C TYR A 381 -4.79 -6.54 -18.14
N GLY A 382 -4.81 -5.65 -17.15
CA GLY A 382 -5.58 -4.42 -17.23
C GLY A 382 -5.12 -3.55 -18.37
N ARG A 383 -6.08 -2.88 -19.00
CA ARG A 383 -5.78 -1.99 -20.13
C ARG A 383 -6.60 -0.72 -20.04
N THR A 384 -6.03 0.37 -20.56
CA THR A 384 -6.78 1.60 -20.82
C THR A 384 -6.77 1.87 -22.32
N THR A 385 -7.92 2.32 -22.81
CA THR A 385 -7.98 2.89 -24.15
C THR A 385 -8.36 4.35 -24.10
N ARG A 386 -8.17 4.98 -22.96
CA ARG A 386 -8.39 6.43 -22.84
C ARG A 386 -7.17 7.17 -23.37
N ALA A 387 -7.40 8.10 -24.31
CA ALA A 387 -6.32 8.89 -24.91
C ALA A 387 -5.51 9.64 -23.86
N ASN A 388 -6.21 10.16 -22.86
CA ASN A 388 -5.56 10.89 -21.77
C ASN A 388 -5.16 10.03 -20.57
N TYR A 389 -5.33 8.73 -20.71
CA TYR A 389 -4.93 7.75 -19.71
C TYR A 389 -5.63 7.95 -18.38
N TRP A 390 -6.78 8.61 -18.38
CA TRP A 390 -7.46 8.92 -17.12
C TRP A 390 -8.61 7.96 -16.89
N TRP A 391 -8.59 7.25 -15.76
CA TRP A 391 -9.62 6.27 -15.46
C TRP A 391 -11.01 6.91 -15.32
N GLN A 392 -11.99 6.25 -15.92
CA GLN A 392 -13.40 6.55 -15.72
C GLN A 392 -14.12 5.31 -15.20
N GLU A 393 -15.21 5.55 -14.48
CA GLU A 393 -15.99 4.46 -13.90
C GLU A 393 -16.35 3.44 -14.99
N GLY A 394 -16.09 2.17 -14.71
CA GLY A 394 -16.31 1.09 -15.65
C GLY A 394 -15.04 0.60 -16.36
N ASP A 395 -14.01 1.43 -16.35
CA ASP A 395 -12.75 1.06 -17.00
C ASP A 395 -12.04 -0.01 -16.15
N ASP A 396 -11.17 -0.78 -16.79
CA ASP A 396 -10.36 -1.77 -16.07
C ASP A 396 -9.66 -1.10 -14.88
N PHE A 397 -9.69 -1.75 -13.72
CA PHE A 397 -8.84 -1.34 -12.63
C PHE A 397 -7.40 -1.73 -12.91
N MET A 398 -6.50 -0.83 -12.51
CA MET A 398 -5.07 -0.94 -12.66
C MET A 398 -4.37 -0.67 -11.36
N GLY A 399 -3.10 -1.05 -11.27
CA GLY A 399 -2.29 -0.72 -10.12
C GLY A 399 -2.15 0.76 -9.88
N ASP A 400 -2.14 1.53 -10.98
CA ASP A 400 -2.30 2.99 -10.90
C ASP A 400 -3.74 3.30 -10.50
N PRO A 401 -3.98 3.92 -9.34
CA PRO A 401 -5.36 4.21 -8.96
C PRO A 401 -5.91 5.40 -9.73
N PRO A 402 -7.18 5.73 -9.53
CA PRO A 402 -7.86 6.75 -10.33
C PRO A 402 -7.35 8.19 -10.25
N GLN A 403 -6.43 8.49 -9.33
CA GLN A 403 -5.83 9.83 -9.22
C GLN A 403 -4.58 10.03 -10.08
N GLU A 404 -4.16 8.99 -10.79
CA GLU A 404 -2.96 9.02 -11.61
C GLU A 404 -3.23 8.37 -12.95
N GLU A 405 -2.48 8.79 -13.95
CA GLU A 405 -2.61 8.18 -15.26
C GLU A 405 -2.40 6.68 -15.20
N GLN A 406 -3.24 6.00 -15.96
CA GLN A 406 -3.25 4.55 -16.08
C GLN A 406 -2.09 4.18 -16.99
N GLY A 407 -1.03 3.65 -16.38
CA GLY A 407 0.25 3.49 -17.03
C GLY A 407 1.41 4.25 -16.38
N MET A 408 1.15 5.06 -15.36
CA MET A 408 2.21 5.84 -14.74
C MET A 408 3.29 4.96 -14.09
N TYR A 409 2.86 4.12 -13.15
CA TYR A 409 3.76 3.26 -12.38
C TYR A 409 3.50 1.78 -12.51
N GLY A 410 2.36 1.39 -13.07
CA GLY A 410 1.99 0.00 -13.06
C GLY A 410 2.77 -0.86 -14.03
N VAL A 411 2.96 -2.12 -13.64
CA VAL A 411 3.66 -3.10 -14.47
C VAL A 411 2.63 -3.93 -15.21
N PHE A 412 2.66 -3.90 -16.54
CA PHE A 412 1.75 -4.67 -17.37
C PHE A 412 2.28 -6.09 -17.56
N ASP A 413 1.39 -7.02 -17.90
CA ASP A 413 1.79 -8.40 -18.14
C ASP A 413 2.79 -8.49 -19.30
N THR A 414 2.73 -7.52 -20.21
CA THR A 414 3.61 -7.46 -21.37
C THR A 414 4.94 -6.76 -21.12
N ASP A 415 5.18 -6.31 -19.87
CA ASP A 415 6.45 -5.69 -19.52
C ASP A 415 7.48 -6.78 -19.21
N THR A 416 7.91 -7.44 -20.27
CA THR A 416 8.72 -8.63 -20.18
C THR A 416 9.98 -8.45 -19.35
N SER A 417 10.69 -7.34 -19.57
CA SER A 417 11.95 -7.08 -18.86
C SER A 417 11.75 -6.96 -17.36
N THR A 418 10.74 -6.20 -16.99
CA THR A 418 10.46 -5.97 -15.58
C THR A 418 10.05 -7.26 -14.89
N ILE A 419 9.18 -8.03 -15.55
CA ILE A 419 8.70 -9.28 -15.00
C ILE A 419 9.86 -10.27 -14.81
N ALA A 420 10.81 -10.30 -15.72
CA ALA A 420 11.94 -11.20 -15.55
C ALA A 420 12.77 -10.88 -14.32
N ILE A 421 12.95 -9.60 -14.05
CA ILE A 421 13.65 -9.14 -12.87
C ILE A 421 12.88 -9.53 -11.60
N MET A 422 11.56 -9.32 -11.61
CA MET A 422 10.71 -9.74 -10.50
C MET A 422 10.82 -11.24 -10.27
N LYS A 423 10.73 -12.04 -11.32
CA LYS A 423 10.76 -13.49 -11.20
C LYS A 423 12.10 -13.94 -10.63
N GLU A 424 13.18 -13.32 -11.09
CA GLU A 424 14.51 -13.66 -10.61
C GLU A 424 14.65 -13.38 -9.13
N PHE A 425 14.34 -12.16 -8.70
CA PHE A 425 14.57 -11.79 -7.32
C PHE A 425 13.53 -12.41 -6.39
N ASN A 426 12.31 -12.63 -6.88
CA ASN A 426 11.31 -13.30 -6.05
C ASN A 426 11.84 -14.68 -5.65
N ALA A 427 12.54 -15.34 -6.57
CA ALA A 427 13.16 -16.63 -6.28
C ALA A 427 14.38 -16.49 -5.37
N ARG A 428 15.23 -15.51 -5.62
CA ARG A 428 16.45 -15.35 -4.85
C ARG A 428 16.19 -14.96 -3.41
N PHE A 429 15.09 -14.25 -3.16
CA PHE A 429 14.74 -13.81 -1.80
C PHE A 429 14.14 -14.94 -0.99
N GLN A 430 13.65 -15.98 -1.65
CA GLN A 430 13.05 -17.11 -0.95
C GLN A 430 14.09 -17.98 -0.25
N PRO A 431 13.85 -18.24 1.04
CA PRO A 431 14.78 -19.04 1.85
C PRO A 431 15.11 -20.40 1.23
#